data_1H2K
#
_entry.id   1H2K
#
_cell.length_a   86.161
_cell.length_b   86.161
_cell.length_c   146.656
_cell.angle_alpha   90.00
_cell.angle_beta   90.00
_cell.angle_gamma   90.00
#
_symmetry.space_group_name_H-M   'P 41 21 2'
#
loop_
_entity.id
_entity.type
_entity.pdbx_description
1 polymer 'FACTOR INHIBITING HIF1'
2 polymer 'HYPOXIA-INDUCIBLE FACTOR 1 ALPHA'
3 non-polymer 'FE (II) ION'
4 non-polymer N-OXALYLGLYCINE
5 non-polymer 'SULFATE ION'
6 water water
#
loop_
_entity_poly.entity_id
_entity_poly.type
_entity_poly.pdbx_seq_one_letter_code
_entity_poly.pdbx_strand_id
1 'polypeptide(L)'
;MAATAAEAVASGSGEPREEAGALGPAWDESQLRSYSFPTRPIPRLSQSDPRAEELIENEEPVVLTDTNLVYPALKWDLEY
LQENIGNGDFSVYSASTHKFLYYDEKKMANFQNFKPRSNREEMKFHEFVEKLQDIQQRGGEERLYLQQTLNDTVGRKIVM
DFLGFNWNWINKQQGKRGWGQLTSNLLLIGMEGNVTPAHYDEQQNFFAQIKGYKRCILFPPDQFECLYPYPVHHPCDRQS
QVDFDNPDYERFPNFQNVVGYETVVGPGDVLYIPMYWWHHIESLLNGGITITVNFWYKGAPTPKRIEYPLKAHQKVAIMR
NIEKMLGEALGNPQEVGPLLNTMIKGRYN
;
A
2 'polypeptide(L)' SMDESGLPQLTSYDCEVNAPIQGSRNLLQGEELLRALDQVN S
#
# COMPACT_ATOMS: atom_id res chain seq x y z
N GLU A 15 2.43 -0.71 -23.37
CA GLU A 15 1.75 -1.80 -24.11
C GLU A 15 1.83 -3.07 -23.29
N PRO A 16 0.70 -3.77 -23.13
CA PRO A 16 0.68 -4.97 -22.30
C PRO A 16 1.67 -6.02 -22.78
N ARG A 17 2.40 -6.59 -21.84
CA ARG A 17 3.41 -7.59 -22.16
C ARG A 17 2.76 -8.87 -22.67
N GLU A 18 3.53 -9.67 -23.40
CA GLU A 18 3.07 -10.93 -23.91
C GLU A 18 3.53 -12.03 -22.95
N GLU A 19 2.61 -12.91 -22.56
CA GLU A 19 2.92 -14.03 -21.69
C GLU A 19 3.70 -15.09 -22.46
N ALA A 20 4.75 -15.60 -21.82
CA ALA A 20 5.61 -16.62 -22.39
C ALA A 20 4.82 -17.83 -22.87
N GLY A 21 5.14 -18.31 -24.05
CA GLY A 21 4.48 -19.50 -24.56
C GLY A 21 3.31 -19.11 -25.43
N ALA A 22 3.31 -17.86 -25.87
CA ALA A 22 2.28 -17.33 -26.75
C ALA A 22 0.92 -17.43 -26.11
N LEU A 23 0.85 -17.21 -24.80
CA LEU A 23 -0.43 -17.27 -24.12
C LEU A 23 -1.15 -15.94 -24.22
N GLY A 24 -0.63 -15.05 -25.06
CA GLY A 24 -1.28 -13.80 -25.36
C GLY A 24 -1.02 -12.73 -24.34
N PRO A 25 -1.71 -11.62 -24.50
CA PRO A 25 -1.51 -10.47 -23.62
C PRO A 25 -2.00 -10.81 -22.21
N ALA A 26 -1.22 -10.42 -21.22
CA ALA A 26 -1.58 -10.67 -19.84
C ALA A 26 -2.85 -9.88 -19.47
N TRP A 27 -2.99 -8.69 -20.05
CA TRP A 27 -4.18 -7.88 -19.81
C TRP A 27 -4.37 -6.90 -20.96
N ASP A 28 -5.44 -6.13 -20.91
CA ASP A 28 -5.62 -5.11 -21.93
C ASP A 28 -6.18 -3.86 -21.31
N GLU A 29 -6.14 -2.80 -22.10
CA GLU A 29 -6.56 -1.46 -21.68
C GLU A 29 -7.94 -1.43 -21.05
N SER A 30 -8.89 -2.18 -21.59
CA SER A 30 -10.25 -2.13 -21.07
C SER A 30 -10.35 -2.56 -19.61
N GLN A 31 -9.29 -3.17 -19.08
CA GLN A 31 -9.29 -3.62 -17.68
C GLN A 31 -8.80 -2.56 -16.72
N LEU A 32 -8.33 -1.43 -17.26
CA LEU A 32 -7.87 -0.31 -16.44
C LEU A 32 -8.98 0.72 -16.25
N ARG A 33 -9.12 1.26 -15.04
CA ARG A 33 -10.10 2.32 -14.81
C ARG A 33 -9.61 3.61 -15.45
N SER A 34 -10.51 4.54 -15.70
CA SER A 34 -10.15 5.76 -16.40
C SER A 34 -10.10 6.93 -15.43
N TYR A 35 -9.06 7.75 -15.53
CA TYR A 35 -8.84 8.81 -14.56
C TYR A 35 -8.51 10.10 -15.30
N SER A 36 -8.43 11.20 -14.57
CA SER A 36 -8.27 12.52 -15.17
C SER A 36 -6.86 13.02 -15.41
N PHE A 37 -5.86 12.25 -15.02
CA PHE A 37 -4.49 12.74 -15.08
C PHE A 37 -3.60 11.86 -15.95
N PRO A 38 -2.54 12.42 -16.49
CA PRO A 38 -1.59 11.63 -17.28
C PRO A 38 -0.61 10.88 -16.37
N THR A 39 0.07 9.88 -16.95
CA THR A 39 1.12 9.18 -16.24
C THR A 39 2.23 8.81 -17.20
N ARG A 40 3.37 8.46 -16.63
CA ARG A 40 4.53 7.96 -17.35
C ARG A 40 4.86 6.60 -16.75
N PRO A 41 5.52 5.72 -17.50
CA PRO A 41 5.82 4.38 -16.97
C PRO A 41 6.90 4.31 -15.90
N ILE A 42 6.72 3.41 -14.95
CA ILE A 42 7.76 3.06 -14.01
C ILE A 42 8.67 2.10 -14.77
N PRO A 43 9.98 2.27 -14.68
CA PRO A 43 10.87 1.35 -15.37
C PRO A 43 10.72 -0.11 -14.89
N ARG A 44 10.78 -1.08 -15.81
CA ARG A 44 10.79 -2.50 -15.46
C ARG A 44 12.18 -3.00 -15.78
N LEU A 45 12.86 -3.49 -14.78
CA LEU A 45 14.26 -3.83 -14.97
C LEU A 45 14.60 -5.11 -14.29
N SER A 46 15.76 -5.63 -14.67
CA SER A 46 16.32 -6.75 -14.01
C SER A 46 16.99 -6.25 -12.75
N GLN A 47 16.93 -7.11 -11.75
CA GLN A 47 17.55 -6.91 -10.47
C GLN A 47 19.06 -6.71 -10.64
N SER A 48 19.64 -7.33 -11.66
CA SER A 48 21.08 -7.21 -11.90
C SER A 48 21.45 -5.91 -12.63
N ASP A 49 20.45 -5.17 -13.07
CA ASP A 49 20.72 -3.95 -13.82
C ASP A 49 21.09 -2.82 -12.88
N PRO A 50 22.27 -2.25 -13.07
CA PRO A 50 22.74 -1.14 -12.24
C PRO A 50 21.73 -0.03 -12.11
N ARG A 51 20.95 0.20 -13.17
CA ARG A 51 19.95 1.25 -13.12
C ARG A 51 18.92 0.97 -12.02
N ALA A 52 18.64 -0.31 -11.76
CA ALA A 52 17.66 -0.63 -10.74
C ALA A 52 18.21 -0.24 -9.38
N GLU A 53 19.47 -0.55 -9.14
CA GLU A 53 20.06 -0.23 -7.86
C GLU A 53 20.07 1.29 -7.67
N GLU A 54 20.39 2.02 -8.74
CA GLU A 54 20.41 3.47 -8.69
C GLU A 54 19.06 4.03 -8.28
N LEU A 55 17.98 3.45 -8.81
CA LEU A 55 16.65 3.94 -8.52
C LEU A 55 16.29 3.71 -7.07
N ILE A 56 16.57 2.51 -6.56
CA ILE A 56 16.24 2.21 -5.16
C ILE A 56 17.06 3.11 -4.22
N GLU A 57 18.35 3.27 -4.54
CA GLU A 57 19.25 4.09 -3.74
C GLU A 57 18.71 5.51 -3.69
N ASN A 58 18.15 5.96 -4.80
CA ASN A 58 17.60 7.29 -4.87
C ASN A 58 16.15 7.43 -4.44
N GLU A 59 15.60 6.36 -3.90
CA GLU A 59 14.22 6.38 -3.44
C GLU A 59 13.27 6.74 -4.56
N GLU A 60 13.45 6.04 -5.68
CA GLU A 60 12.57 6.15 -6.82
C GLU A 60 12.05 4.76 -7.18
N PRO A 61 10.80 4.70 -7.62
CA PRO A 61 10.17 3.42 -7.87
C PRO A 61 10.79 2.69 -9.03
N VAL A 62 10.73 1.37 -8.94
CA VAL A 62 11.18 0.51 -10.02
C VAL A 62 10.48 -0.82 -9.89
N VAL A 63 10.11 -1.41 -11.01
CA VAL A 63 9.58 -2.77 -11.00
C VAL A 63 10.75 -3.70 -11.31
N LEU A 64 11.02 -4.64 -10.42
CA LEU A 64 12.03 -5.66 -10.63
C LEU A 64 11.35 -6.95 -11.09
N THR A 65 11.81 -7.49 -12.21
CA THR A 65 11.13 -8.62 -12.82
C THR A 65 11.68 -9.99 -12.45
N ASP A 66 12.86 -10.04 -11.87
CA ASP A 66 13.50 -11.33 -11.62
C ASP A 66 14.18 -11.51 -10.26
N THR A 67 13.56 -11.02 -9.19
CA THR A 67 14.17 -11.15 -7.89
C THR A 67 13.97 -12.53 -7.30
N ASN A 68 12.92 -13.23 -7.74
CA ASN A 68 12.52 -14.48 -7.10
C ASN A 68 12.25 -14.26 -5.62
N LEU A 69 11.84 -13.04 -5.27
CA LEU A 69 11.58 -12.70 -3.86
C LEU A 69 10.57 -13.64 -3.20
N VAL A 70 9.46 -13.92 -3.87
CA VAL A 70 8.44 -14.81 -3.33
C VAL A 70 8.16 -15.99 -4.24
N TYR A 71 9.22 -16.48 -4.88
CA TYR A 71 9.11 -17.58 -5.83
C TYR A 71 8.22 -18.70 -5.28
N PRO A 72 8.46 -19.16 -4.07
CA PRO A 72 7.65 -20.26 -3.53
C PRO A 72 6.18 -19.93 -3.37
N ALA A 73 5.82 -18.65 -3.32
CA ALA A 73 4.41 -18.27 -3.16
C ALA A 73 3.68 -18.22 -4.50
N LEU A 74 4.40 -18.38 -5.59
CA LEU A 74 3.78 -18.28 -6.90
C LEU A 74 2.74 -19.36 -7.18
N LYS A 75 2.78 -20.44 -6.41
CA LYS A 75 1.81 -21.53 -6.57
C LYS A 75 0.60 -21.30 -5.66
N TRP A 76 0.65 -20.28 -4.81
CA TRP A 76 -0.45 -20.02 -3.90
C TRP A 76 -1.76 -19.71 -4.63
N ASP A 77 -2.85 -20.27 -4.13
CA ASP A 77 -4.18 -19.94 -4.60
C ASP A 77 -5.09 -20.20 -3.41
N LEU A 78 -6.38 -19.92 -3.53
CA LEU A 78 -7.26 -20.04 -2.38
C LEU A 78 -7.28 -21.44 -1.78
N GLU A 79 -7.28 -22.45 -2.64
CA GLU A 79 -7.31 -23.84 -2.18
C GLU A 79 -6.05 -24.18 -1.38
N TYR A 80 -4.89 -23.89 -1.95
CA TYR A 80 -3.63 -24.16 -1.24
C TYR A 80 -3.53 -23.36 0.07
N LEU A 81 -3.96 -22.10 0.06
CA LEU A 81 -3.88 -21.31 1.29
C LEU A 81 -4.88 -21.80 2.35
N GLN A 82 -6.09 -22.11 1.93
CA GLN A 82 -7.10 -22.61 2.85
C GLN A 82 -6.57 -23.86 3.52
N GLU A 83 -5.93 -24.71 2.74
CA GLU A 83 -5.41 -25.99 3.24
C GLU A 83 -4.22 -25.82 4.19
N ASN A 84 -3.45 -24.75 4.01
CA ASN A 84 -2.17 -24.63 4.72
C ASN A 84 -1.90 -23.40 5.60
N ILE A 85 -2.71 -22.36 5.55
CA ILE A 85 -2.37 -21.14 6.26
C ILE A 85 -2.79 -21.05 7.73
N GLY A 86 -3.31 -22.15 8.26
CA GLY A 86 -3.67 -22.21 9.68
C GLY A 86 -5.09 -21.77 10.02
N ASN A 87 -5.33 -21.67 11.33
CA ASN A 87 -6.65 -21.36 11.88
C ASN A 87 -6.63 -20.02 12.61
N GLY A 88 -5.66 -19.17 12.26
CA GLY A 88 -5.59 -17.83 12.84
C GLY A 88 -6.67 -16.96 12.24
N ASP A 89 -6.89 -15.79 12.84
CA ASP A 89 -7.90 -14.85 12.35
C ASP A 89 -7.36 -14.00 11.19
N PHE A 90 -8.19 -13.71 10.21
CA PHE A 90 -7.79 -12.83 9.12
C PHE A 90 -8.73 -11.62 9.08
N SER A 91 -8.15 -10.43 8.92
CA SER A 91 -8.95 -9.23 8.78
C SER A 91 -9.43 -9.14 7.35
N VAL A 92 -10.75 -9.07 7.21
CA VAL A 92 -11.39 -8.97 5.92
C VAL A 92 -12.30 -7.76 5.90
N TYR A 93 -12.07 -6.92 4.91
CA TYR A 93 -12.86 -5.74 4.73
C TYR A 93 -13.95 -6.04 3.75
N SER A 94 -15.10 -5.44 4.02
CA SER A 94 -16.28 -5.60 3.20
C SER A 94 -16.72 -4.22 2.76
N ALA A 95 -17.09 -4.09 1.50
CA ALA A 95 -17.48 -2.81 0.98
C ALA A 95 -18.55 -2.92 -0.07
N SER A 96 -19.32 -1.85 -0.18
CA SER A 96 -20.35 -1.76 -1.19
C SER A 96 -19.85 -0.99 -2.41
N THR A 97 -18.62 -0.48 -2.33
CA THR A 97 -18.00 0.27 -3.41
C THR A 97 -16.69 -0.43 -3.75
N HIS A 98 -16.12 -0.10 -4.90
CA HIS A 98 -14.82 -0.68 -5.27
C HIS A 98 -13.68 -0.06 -4.46
N LYS A 99 -13.94 1.07 -3.82
CA LYS A 99 -12.89 1.77 -3.09
C LYS A 99 -12.72 1.33 -1.62
N PHE A 100 -11.58 0.75 -1.31
CA PHE A 100 -11.29 0.38 0.08
C PHE A 100 -10.35 1.39 0.72
N LEU A 101 -10.93 2.54 1.06
CA LEU A 101 -10.22 3.58 1.73
C LEU A 101 -9.78 3.10 3.11
N TYR A 102 -8.48 3.14 3.36
CA TYR A 102 -7.95 2.74 4.66
C TYR A 102 -8.34 3.77 5.74
N TYR A 103 -8.66 3.28 6.94
CA TYR A 103 -8.92 4.17 8.07
C TYR A 103 -8.39 3.55 9.36
N ASP A 104 -7.97 4.43 10.26
CA ASP A 104 -7.39 4.01 11.51
C ASP A 104 -8.47 4.07 12.57
N GLU A 105 -8.89 2.90 13.02
CA GLU A 105 -9.96 2.80 13.99
C GLU A 105 -9.67 3.58 15.29
N LYS A 106 -8.39 3.67 15.69
CA LYS A 106 -8.04 4.37 16.94
C LYS A 106 -8.33 5.86 16.90
N LYS A 107 -8.45 6.43 15.71
CA LYS A 107 -8.67 7.86 15.57
C LYS A 107 -10.15 8.17 15.39
N MET A 108 -11.00 7.15 15.33
CA MET A 108 -12.42 7.40 15.10
C MET A 108 -13.12 8.20 16.22
N ALA A 109 -12.68 8.04 17.45
CA ALA A 109 -13.32 8.75 18.56
C ALA A 109 -13.25 10.27 18.37
N ASN A 110 -12.14 10.76 17.83
CA ASN A 110 -11.96 12.18 17.62
C ASN A 110 -12.66 12.75 16.38
N PHE A 111 -13.28 11.89 15.59
CA PHE A 111 -14.03 12.34 14.43
C PHE A 111 -15.33 11.55 14.34
N GLN A 112 -16.20 11.82 15.31
CA GLN A 112 -17.46 11.10 15.45
C GLN A 112 -18.30 11.08 14.17
N ASN A 113 -18.12 12.10 13.33
CA ASN A 113 -18.89 12.18 12.10
C ASN A 113 -18.30 11.41 10.90
N PHE A 114 -17.18 10.74 11.09
CA PHE A 114 -16.63 9.95 9.99
C PHE A 114 -17.35 8.61 9.94
N LYS A 115 -17.91 8.29 8.78
CA LYS A 115 -18.65 7.04 8.62
C LYS A 115 -17.98 6.20 7.54
N PRO A 116 -17.26 5.16 7.95
CA PRO A 116 -16.46 4.36 7.03
C PRO A 116 -17.31 3.62 6.02
N ARG A 117 -16.87 3.60 4.77
CA ARG A 117 -17.58 2.92 3.70
C ARG A 117 -17.27 1.42 3.71
N SER A 118 -16.26 1.03 4.48
CA SER A 118 -15.93 -0.37 4.60
C SER A 118 -15.88 -0.78 6.06
N ASN A 119 -16.17 -2.05 6.33
CA ASN A 119 -16.14 -2.60 7.69
C ASN A 119 -15.19 -3.77 7.75
N ARG A 120 -14.51 -3.89 8.89
CA ARG A 120 -13.56 -4.96 9.13
C ARG A 120 -14.25 -6.07 9.88
N GLU A 121 -14.02 -7.31 9.43
CA GLU A 121 -14.53 -8.47 10.11
C GLU A 121 -13.37 -9.45 10.21
N GLU A 122 -13.27 -10.09 11.37
CA GLU A 122 -12.22 -11.06 11.60
C GLU A 122 -12.81 -12.44 11.36
N MET A 123 -12.14 -13.24 10.54
CA MET A 123 -12.65 -14.57 10.27
C MET A 123 -11.52 -15.54 9.95
N LYS A 124 -11.87 -16.81 9.91
CA LYS A 124 -10.94 -17.85 9.55
C LYS A 124 -10.81 -17.86 8.03
N PHE A 125 -9.69 -18.38 7.53
CA PHE A 125 -9.44 -18.30 6.10
C PHE A 125 -10.53 -18.97 5.27
N HIS A 126 -10.98 -20.12 5.75
CA HIS A 126 -12.02 -20.88 5.07
C HIS A 126 -13.33 -20.13 5.07
N GLU A 127 -13.54 -19.27 6.06
CA GLU A 127 -14.74 -18.45 6.11
C GLU A 127 -14.66 -17.35 5.05
N PHE A 128 -13.46 -16.84 4.85
CA PHE A 128 -13.23 -15.81 3.83
C PHE A 128 -13.52 -16.43 2.47
N VAL A 129 -12.99 -17.63 2.27
CA VAL A 129 -13.13 -18.32 1.01
C VAL A 129 -14.61 -18.61 0.72
N GLU A 130 -15.32 -19.08 1.74
CA GLU A 130 -16.74 -19.37 1.62
C GLU A 130 -17.51 -18.11 1.26
N LYS A 131 -17.21 -17.02 1.96
CA LYS A 131 -17.85 -15.74 1.65
C LYS A 131 -17.63 -15.37 0.19
N LEU A 132 -16.39 -15.50 -0.29
CA LEU A 132 -16.12 -15.19 -1.68
C LEU A 132 -16.99 -16.04 -2.61
N GLN A 133 -17.12 -17.32 -2.27
CA GLN A 133 -17.93 -18.25 -3.06
C GLN A 133 -19.41 -17.86 -3.08
N ASP A 134 -19.96 -17.51 -1.92
CA ASP A 134 -21.37 -17.13 -1.82
C ASP A 134 -21.69 -15.90 -2.68
N ILE A 135 -20.77 -14.95 -2.72
CA ILE A 135 -20.98 -13.74 -3.51
C ILE A 135 -21.01 -14.09 -4.98
N GLN A 136 -20.01 -14.85 -5.41
CA GLN A 136 -19.92 -15.26 -6.81
C GLN A 136 -21.22 -15.93 -7.24
N GLN A 137 -21.61 -16.96 -6.51
CA GLN A 137 -22.80 -17.74 -6.84
C GLN A 137 -24.07 -16.91 -6.83
N ARG A 138 -24.24 -16.07 -5.82
CA ARG A 138 -25.46 -15.27 -5.71
C ARG A 138 -25.37 -13.98 -6.54
N GLY A 139 -24.38 -13.90 -7.42
CA GLY A 139 -24.17 -12.72 -8.23
C GLY A 139 -24.20 -11.42 -7.43
N GLY A 140 -23.72 -11.46 -6.19
CA GLY A 140 -23.76 -10.28 -5.34
C GLY A 140 -22.83 -9.17 -5.79
N GLU A 141 -23.11 -7.95 -5.34
CA GLU A 141 -22.24 -6.80 -5.64
C GLU A 141 -21.26 -6.54 -4.49
N GLU A 142 -21.41 -7.27 -3.38
CA GLU A 142 -20.51 -7.08 -2.25
C GLU A 142 -19.06 -7.31 -2.67
N ARG A 143 -18.14 -6.63 -2.02
CA ARG A 143 -16.71 -6.80 -2.31
C ARG A 143 -15.94 -7.07 -1.03
N LEU A 144 -14.94 -7.94 -1.12
CA LEU A 144 -14.12 -8.26 0.03
C LEU A 144 -12.67 -7.95 -0.28
N TYR A 145 -11.93 -7.61 0.76
CA TYR A 145 -10.50 -7.41 0.63
C TYR A 145 -9.86 -7.91 1.92
N LEU A 146 -9.22 -9.06 1.85
CA LEU A 146 -8.46 -9.59 2.99
C LEU A 146 -7.12 -8.86 3.07
N GLN A 147 -6.77 -8.39 4.26
CA GLN A 147 -5.53 -7.65 4.47
C GLN A 147 -5.06 -8.07 5.84
N GLN A 148 -4.05 -8.91 5.87
CA GLN A 148 -3.61 -9.53 7.12
C GLN A 148 -2.12 -9.76 7.14
N THR A 149 -1.51 -9.30 8.22
CA THR A 149 -0.10 -9.49 8.44
C THR A 149 0.19 -10.97 8.66
N LEU A 150 1.23 -11.49 8.02
CA LEU A 150 1.65 -12.88 8.19
C LEU A 150 2.27 -13.06 9.58
N ASN A 151 1.76 -14.02 10.35
CA ASN A 151 2.26 -14.27 11.70
C ASN A 151 2.45 -15.77 12.03
N ASP A 152 2.75 -16.08 13.30
CA ASP A 152 3.05 -17.45 13.74
C ASP A 152 1.96 -18.49 13.64
N THR A 153 0.75 -18.11 13.29
CA THR A 153 -0.31 -19.12 13.24
C THR A 153 -0.35 -19.81 11.89
N VAL A 154 0.43 -19.32 10.92
CA VAL A 154 0.39 -19.96 9.61
C VAL A 154 0.91 -21.38 9.77
N GLY A 155 0.45 -22.28 8.92
CA GLY A 155 0.84 -23.68 8.98
C GLY A 155 2.18 -24.00 8.36
N ARG A 156 2.55 -25.26 8.51
CA ARG A 156 3.85 -25.78 8.11
C ARG A 156 4.28 -25.48 6.67
N LYS A 157 3.44 -25.79 5.70
CA LYS A 157 3.78 -25.51 4.32
C LYS A 157 4.01 -24.00 4.07
N ILE A 158 3.24 -23.14 4.73
CA ILE A 158 3.38 -21.69 4.51
C ILE A 158 4.68 -21.25 5.12
N VAL A 159 5.03 -21.87 6.25
CA VAL A 159 6.28 -21.59 6.91
C VAL A 159 7.40 -21.97 5.96
N MET A 160 7.30 -23.14 5.32
CA MET A 160 8.32 -23.57 4.37
C MET A 160 8.43 -22.59 3.20
N ASP A 161 7.30 -22.16 2.67
CA ASP A 161 7.26 -21.19 1.58
C ASP A 161 7.92 -19.87 1.96
N PHE A 162 7.54 -19.36 3.12
CA PHE A 162 8.03 -18.10 3.64
C PHE A 162 9.54 -18.16 3.80
N LEU A 163 10.06 -19.25 4.32
CA LEU A 163 11.50 -19.40 4.50
C LEU A 163 12.25 -19.46 3.16
N GLY A 164 11.54 -19.86 2.11
CA GLY A 164 12.06 -19.92 0.77
C GLY A 164 12.01 -18.61 0.00
N PHE A 165 11.54 -17.54 0.63
CA PHE A 165 11.58 -16.23 0.01
C PHE A 165 13.07 -15.88 -0.19
N ASN A 166 13.38 -14.98 -1.11
CA ASN A 166 14.78 -14.61 -1.36
C ASN A 166 15.31 -13.58 -0.33
N TRP A 167 15.54 -14.06 0.88
CA TRP A 167 16.04 -13.24 1.97
C TRP A 167 17.43 -12.75 1.65
N ASN A 168 18.19 -13.56 0.93
CA ASN A 168 19.54 -13.15 0.59
C ASN A 168 19.50 -11.80 -0.14
N TRP A 169 18.62 -11.71 -1.14
CA TRP A 169 18.54 -10.50 -1.94
C TRP A 169 17.94 -9.34 -1.16
N ILE A 170 16.88 -9.57 -0.40
CA ILE A 170 16.24 -8.46 0.28
C ILE A 170 17.05 -8.01 1.52
N ASN A 171 17.70 -8.93 2.20
CA ASN A 171 18.58 -8.56 3.30
C ASN A 171 19.72 -7.65 2.82
N LYS A 172 20.26 -7.91 1.64
CA LYS A 172 21.29 -7.02 1.10
C LYS A 172 20.70 -5.65 0.82
N GLN A 173 19.50 -5.60 0.25
CA GLN A 173 18.84 -4.31 0.00
C GLN A 173 18.71 -3.54 1.32
N GLN A 174 18.12 -4.17 2.32
CA GLN A 174 17.96 -3.56 3.64
C GLN A 174 19.31 -3.00 4.15
N GLY A 175 20.35 -3.82 4.09
CA GLY A 175 21.68 -3.41 4.48
C GLY A 175 22.24 -2.28 3.62
N LYS A 176 22.16 -2.41 2.31
CA LYS A 176 22.67 -1.39 1.40
C LYS A 176 22.03 0.00 1.60
N ARG A 177 20.73 0.05 1.86
CA ARG A 177 20.03 1.33 2.02
C ARG A 177 19.99 1.88 3.45
N GLY A 178 20.55 1.15 4.41
CA GLY A 178 20.55 1.58 5.80
C GLY A 178 19.18 1.51 6.46
N TRP A 179 18.27 0.75 5.87
CA TRP A 179 16.94 0.68 6.44
C TRP A 179 16.93 0.08 7.83
N GLY A 180 15.83 0.30 8.53
CA GLY A 180 15.60 -0.35 9.80
C GLY A 180 15.03 -1.73 9.59
N GLN A 181 14.36 -2.26 10.61
CA GLN A 181 13.90 -3.63 10.57
C GLN A 181 12.65 -3.84 9.71
N LEU A 182 12.51 -5.07 9.25
CA LEU A 182 11.31 -5.56 8.61
C LEU A 182 10.26 -5.51 9.72
N THR A 183 9.16 -4.77 9.55
CA THR A 183 8.13 -4.73 10.58
C THR A 183 7.04 -5.73 10.29
N SER A 184 6.78 -6.01 9.03
CA SER A 184 5.74 -6.96 8.70
C SER A 184 5.64 -7.25 7.24
N ASN A 185 4.88 -8.29 6.95
CA ASN A 185 4.54 -8.68 5.61
C ASN A 185 3.03 -8.76 5.56
N LEU A 186 2.42 -7.89 4.77
CA LEU A 186 0.98 -7.88 4.65
C LEU A 186 0.55 -8.75 3.49
N LEU A 187 -0.37 -9.65 3.75
CA LEU A 187 -0.96 -10.49 2.73
C LEU A 187 -2.22 -9.77 2.28
N LEU A 188 -2.32 -9.52 0.97
CA LEU A 188 -3.48 -8.87 0.40
C LEU A 188 -4.17 -9.76 -0.64
N ILE A 189 -5.43 -10.08 -0.40
CA ILE A 189 -6.18 -10.87 -1.36
C ILE A 189 -7.43 -10.13 -1.69
N GLY A 190 -7.54 -9.72 -2.96
CA GLY A 190 -8.64 -8.89 -3.37
C GLY A 190 -9.41 -9.47 -4.53
N MET A 191 -10.63 -8.97 -4.68
CA MET A 191 -11.47 -9.33 -5.80
C MET A 191 -11.13 -8.40 -6.95
N GLU A 192 -11.39 -8.87 -8.17
CA GLU A 192 -11.15 -8.08 -9.37
C GLU A 192 -11.87 -6.76 -9.25
N GLY A 193 -11.25 -5.66 -9.67
CA GLY A 193 -11.91 -4.37 -9.58
C GLY A 193 -11.67 -3.64 -8.26
N ASN A 194 -11.15 -4.29 -7.23
CA ASN A 194 -10.89 -3.63 -5.94
C ASN A 194 -9.85 -2.54 -6.08
N VAL A 195 -10.06 -1.42 -5.39
CA VAL A 195 -9.12 -0.31 -5.38
C VAL A 195 -8.75 0.11 -3.99
N THR A 196 -7.45 0.30 -3.77
CA THR A 196 -6.97 0.92 -2.55
C THR A 196 -6.63 2.35 -2.97
N PRO A 197 -7.42 3.32 -2.50
CA PRO A 197 -7.23 4.72 -2.88
C PRO A 197 -5.89 5.29 -2.47
N ALA A 198 -5.47 6.31 -3.21
CA ALA A 198 -4.18 6.95 -3.05
C ALA A 198 -3.85 7.32 -1.60
N HIS A 199 -2.64 6.95 -1.19
CA HIS A 199 -2.13 7.27 0.14
C HIS A 199 -0.63 7.10 0.10
N TYR A 200 0.03 7.52 1.18
CA TYR A 200 1.46 7.27 1.34
C TYR A 200 1.66 6.54 2.65
N ASP A 201 2.73 5.73 2.72
CA ASP A 201 3.04 4.97 3.96
C ASP A 201 4.36 5.46 4.50
N GLU A 202 4.60 5.41 5.81
CA GLU A 202 5.88 5.89 6.33
C GLU A 202 6.94 4.80 6.45
N GLN A 203 6.84 3.75 5.66
CA GLN A 203 7.85 2.71 5.63
C GLN A 203 8.24 2.45 4.19
N GLN A 204 9.41 1.85 4.01
CA GLN A 204 9.88 1.42 2.70
C GLN A 204 9.14 0.12 2.37
N ASN A 205 8.86 -0.10 1.09
CA ASN A 205 8.04 -1.24 0.69
C ASN A 205 8.51 -1.93 -0.58
N PHE A 206 8.81 -3.22 -0.46
CA PHE A 206 8.94 -4.07 -1.62
C PHE A 206 7.62 -4.83 -1.73
N PHE A 207 6.93 -4.59 -2.85
CA PHE A 207 5.56 -5.02 -3.11
C PHE A 207 5.62 -6.16 -4.11
N ALA A 208 5.40 -7.37 -3.61
CA ALA A 208 5.61 -8.61 -4.36
C ALA A 208 4.32 -9.23 -4.85
N GLN A 209 4.11 -9.15 -6.16
CA GLN A 209 2.90 -9.67 -6.75
C GLN A 209 2.99 -11.18 -6.96
N ILE A 210 1.87 -11.84 -6.63
CA ILE A 210 1.81 -13.30 -6.62
C ILE A 210 0.77 -13.89 -7.55
N LYS A 211 -0.45 -13.35 -7.54
CA LYS A 211 -1.52 -13.87 -8.38
C LYS A 211 -2.29 -12.70 -8.93
N GLY A 212 -2.62 -12.77 -10.21
CA GLY A 212 -3.33 -11.71 -10.87
C GLY A 212 -2.48 -10.47 -11.11
N TYR A 213 -3.14 -9.42 -11.56
CA TYR A 213 -2.48 -8.19 -11.95
C TYR A 213 -3.09 -7.00 -11.24
N LYS A 214 -2.21 -6.10 -10.81
CA LYS A 214 -2.57 -4.88 -10.16
C LYS A 214 -1.93 -3.70 -10.87
N ARG A 215 -2.71 -2.67 -11.13
CA ARG A 215 -2.20 -1.45 -11.71
C ARG A 215 -1.83 -0.56 -10.54
N CYS A 216 -0.61 -0.09 -10.54
CA CYS A 216 -0.13 0.77 -9.46
C CYS A 216 0.21 2.14 -10.04
N ILE A 217 -0.43 3.18 -9.51
CA ILE A 217 -0.13 4.55 -9.89
C ILE A 217 0.50 5.24 -8.69
N LEU A 218 1.73 5.72 -8.89
CA LEU A 218 2.49 6.36 -7.83
C LEU A 218 2.69 7.85 -8.12
N PHE A 219 2.80 8.64 -7.05
CA PHE A 219 3.08 10.05 -7.16
C PHE A 219 4.20 10.40 -6.17
N PRO A 220 5.19 11.17 -6.60
CA PRO A 220 6.29 11.57 -5.71
C PRO A 220 5.81 12.46 -4.57
N PRO A 221 6.56 12.46 -3.48
CA PRO A 221 6.24 13.27 -2.31
C PRO A 221 6.04 14.76 -2.61
N ASP A 222 6.65 15.27 -3.69
CA ASP A 222 6.52 16.69 -4.01
C ASP A 222 5.18 17.00 -4.64
N GLN A 223 4.31 16.00 -4.74
CA GLN A 223 2.94 16.24 -5.22
C GLN A 223 1.94 16.33 -4.05
N PHE A 224 2.47 16.48 -2.84
CA PHE A 224 1.64 16.68 -1.64
C PHE A 224 0.55 17.76 -1.89
N GLU A 225 0.93 18.89 -2.48
CA GLU A 225 -0.01 19.99 -2.74
C GLU A 225 -1.13 19.65 -3.69
N CYS A 226 -0.97 18.58 -4.47
CA CYS A 226 -1.99 18.15 -5.43
C CYS A 226 -2.90 17.04 -4.93
N LEU A 227 -2.52 16.41 -3.80
CA LEU A 227 -3.20 15.20 -3.35
C LEU A 227 -4.00 15.33 -2.05
N TYR A 228 -3.81 16.42 -1.35
CA TYR A 228 -4.66 16.80 -0.25
C TYR A 228 -4.98 15.68 0.75
N PRO A 229 -3.98 15.23 1.49
CA PRO A 229 -4.22 14.22 2.52
C PRO A 229 -5.08 14.77 3.63
N TYR A 230 -5.83 13.88 4.27
CA TYR A 230 -6.65 14.25 5.39
C TYR A 230 -5.77 14.84 6.49
N PRO A 231 -6.38 15.55 7.42
CA PRO A 231 -5.67 15.99 8.62
C PRO A 231 -5.02 14.79 9.35
N VAL A 232 -3.87 14.99 9.98
CA VAL A 232 -3.16 13.91 10.66
C VAL A 232 -3.99 13.13 11.71
N HIS A 233 -4.85 13.83 12.43
CA HIS A 233 -5.66 13.19 13.47
C HIS A 233 -6.95 12.54 12.95
N HIS A 234 -7.27 12.75 11.69
CA HIS A 234 -8.41 12.09 11.09
C HIS A 234 -8.04 10.62 10.84
N PRO A 235 -9.02 9.73 10.93
CA PRO A 235 -8.78 8.31 10.66
C PRO A 235 -8.14 8.04 9.31
N CYS A 236 -8.38 8.89 8.32
CA CYS A 236 -7.82 8.68 7.01
C CYS A 236 -6.52 9.44 6.82
N ASP A 237 -5.84 9.73 7.93
CA ASP A 237 -4.48 10.25 7.89
C ASP A 237 -3.64 9.47 6.85
N ARG A 238 -2.89 10.21 6.06
CA ARG A 238 -2.02 9.69 5.00
C ARG A 238 -2.76 9.33 3.70
N GLN A 239 -4.08 9.30 3.72
CA GLN A 239 -4.83 9.02 2.48
C GLN A 239 -5.23 10.35 1.83
N SER A 240 -5.37 10.35 0.50
CA SER A 240 -5.81 11.52 -0.25
C SER A 240 -7.30 11.77 -0.05
N GLN A 241 -7.71 13.03 0.07
CA GLN A 241 -9.12 13.35 0.15
C GLN A 241 -9.75 13.36 -1.24
N VAL A 242 -8.96 13.34 -2.30
CA VAL A 242 -9.57 13.46 -3.61
C VAL A 242 -10.21 12.16 -4.03
N ASP A 243 -11.45 12.22 -4.49
CA ASP A 243 -12.11 11.05 -5.07
C ASP A 243 -11.68 10.99 -6.53
N PHE A 244 -10.76 10.07 -6.81
CA PHE A 244 -10.20 9.94 -8.13
C PHE A 244 -11.29 9.71 -9.21
N ASP A 245 -12.43 9.17 -8.80
CA ASP A 245 -13.49 8.88 -9.76
C ASP A 245 -14.36 10.12 -10.04
N ASN A 246 -14.33 11.11 -9.14
CA ASN A 246 -15.09 12.34 -9.31
C ASN A 246 -14.42 13.47 -8.57
N PRO A 247 -13.31 13.95 -9.13
CA PRO A 247 -12.49 14.94 -8.47
C PRO A 247 -13.20 16.28 -8.36
N ASP A 248 -13.18 16.83 -7.15
CA ASP A 248 -13.80 18.10 -6.88
C ASP A 248 -12.73 19.18 -7.01
N TYR A 249 -12.62 19.77 -8.20
CA TYR A 249 -11.59 20.76 -8.46
C TYR A 249 -11.78 22.07 -7.70
N GLU A 250 -12.98 22.31 -7.17
CA GLU A 250 -13.21 23.51 -6.38
C GLU A 250 -12.54 23.38 -5.03
N ARG A 251 -12.60 22.20 -4.44
CA ARG A 251 -11.98 22.00 -3.16
C ARG A 251 -10.51 21.65 -3.35
N PHE A 252 -10.18 20.98 -4.44
CA PHE A 252 -8.81 20.49 -4.64
C PHE A 252 -8.25 20.92 -6.00
N PRO A 253 -8.08 22.21 -6.20
CA PRO A 253 -7.70 22.72 -7.53
C PRO A 253 -6.39 22.16 -8.08
N ASN A 254 -5.39 21.90 -7.22
CA ASN A 254 -4.13 21.40 -7.75
C ASN A 254 -4.14 19.93 -8.18
N PHE A 255 -5.24 19.23 -7.94
CA PHE A 255 -5.33 17.88 -8.46
C PHE A 255 -5.32 17.92 -9.99
N GLN A 256 -5.57 19.11 -10.55
CA GLN A 256 -5.53 19.31 -12.01
C GLN A 256 -4.09 19.29 -12.54
N ASN A 257 -3.14 19.36 -11.61
CA ASN A 257 -1.72 19.34 -11.93
C ASN A 257 -1.02 18.03 -11.60
N VAL A 258 -1.75 17.03 -11.12
CA VAL A 258 -1.10 15.77 -10.71
C VAL A 258 -0.61 14.95 -11.90
N VAL A 259 0.55 14.34 -11.74
CA VAL A 259 1.12 13.50 -12.80
C VAL A 259 1.67 12.23 -12.15
N GLY A 260 1.14 11.07 -12.50
CA GLY A 260 1.57 9.82 -11.90
C GLY A 260 2.62 9.03 -12.67
N TYR A 261 3.17 8.04 -12.00
CA TYR A 261 4.09 7.07 -12.57
C TYR A 261 3.32 5.75 -12.46
N GLU A 262 3.11 5.03 -13.55
CA GLU A 262 2.28 3.85 -13.44
C GLU A 262 2.89 2.60 -14.04
N THR A 263 2.39 1.47 -13.57
CA THR A 263 2.82 0.18 -14.08
C THR A 263 1.77 -0.87 -13.74
N VAL A 264 1.83 -1.99 -14.44
CA VAL A 264 0.98 -3.09 -14.07
C VAL A 264 1.87 -4.24 -13.67
N VAL A 265 1.73 -4.69 -12.43
CA VAL A 265 2.53 -5.83 -11.98
C VAL A 265 1.76 -7.13 -12.02
N GLY A 266 2.46 -8.19 -12.39
CA GLY A 266 1.91 -9.54 -12.39
C GLY A 266 2.75 -10.52 -11.59
N PRO A 267 2.36 -11.80 -11.58
CA PRO A 267 3.10 -12.80 -10.79
C PRO A 267 4.61 -12.75 -11.03
N GLY A 268 5.39 -12.61 -9.97
CA GLY A 268 6.84 -12.59 -10.09
C GLY A 268 7.46 -11.22 -10.04
N ASP A 269 6.64 -10.19 -10.26
CA ASP A 269 7.14 -8.82 -10.26
C ASP A 269 7.21 -8.30 -8.83
N VAL A 270 8.19 -7.45 -8.58
CA VAL A 270 8.33 -6.74 -7.32
C VAL A 270 8.42 -5.25 -7.58
N LEU A 271 7.50 -4.49 -7.00
CA LEU A 271 7.54 -3.06 -7.16
C LEU A 271 8.10 -2.44 -5.89
N TYR A 272 9.14 -1.64 -6.06
CA TYR A 272 9.65 -0.89 -4.94
C TYR A 272 8.81 0.37 -4.82
N ILE A 273 8.10 0.52 -3.70
CA ILE A 273 7.34 1.72 -3.41
C ILE A 273 8.11 2.48 -2.32
N PRO A 274 8.83 3.54 -2.69
CA PRO A 274 9.66 4.22 -1.70
C PRO A 274 8.81 4.93 -0.68
N MET A 275 9.35 5.01 0.53
CA MET A 275 8.68 5.63 1.65
C MET A 275 8.20 7.03 1.27
N TYR A 276 7.02 7.43 1.74
CA TYR A 276 6.41 8.74 1.44
C TYR A 276 5.84 8.89 0.02
N TRP A 277 6.09 7.93 -0.87
CA TRP A 277 5.51 8.03 -2.22
C TRP A 277 4.08 7.61 -2.19
N TRP A 278 3.23 8.45 -2.76
CA TRP A 278 1.81 8.17 -2.86
C TRP A 278 1.60 7.00 -3.79
N HIS A 279 0.59 6.20 -3.51
CA HIS A 279 0.28 5.10 -4.39
C HIS A 279 -1.19 4.73 -4.31
N HIS A 280 -1.71 4.44 -5.49
CA HIS A 280 -3.08 4.05 -5.78
C HIS A 280 -2.93 2.70 -6.43
N ILE A 281 -3.64 1.69 -5.92
CA ILE A 281 -3.48 0.31 -6.40
C ILE A 281 -4.82 -0.30 -6.73
N GLU A 282 -4.94 -0.84 -7.93
CA GLU A 282 -6.20 -1.46 -8.36
C GLU A 282 -6.00 -2.82 -9.01
N SER A 283 -6.82 -3.76 -8.58
CA SER A 283 -6.83 -5.09 -9.17
C SER A 283 -7.62 -5.00 -10.46
N LEU A 284 -7.04 -5.48 -11.56
CA LEU A 284 -7.67 -5.30 -12.87
C LEU A 284 -9.10 -5.78 -12.94
N LEU A 285 -9.91 -4.97 -13.62
CA LEU A 285 -11.30 -5.30 -13.86
C LEU A 285 -11.30 -6.61 -14.61
N ASN A 286 -12.17 -7.51 -14.19
CA ASN A 286 -12.31 -8.81 -14.84
C ASN A 286 -11.04 -9.66 -14.88
N GLY A 287 -10.12 -9.44 -13.94
CA GLY A 287 -8.87 -10.18 -13.91
C GLY A 287 -8.82 -11.27 -12.87
N GLY A 288 -9.94 -11.54 -12.20
CA GLY A 288 -9.98 -12.53 -11.14
C GLY A 288 -9.32 -12.00 -9.88
N ILE A 289 -9.18 -12.85 -8.87
CA ILE A 289 -8.62 -12.42 -7.60
C ILE A 289 -7.13 -12.14 -7.72
N THR A 290 -6.66 -11.26 -6.84
CA THR A 290 -5.25 -10.93 -6.81
C THR A 290 -4.65 -11.28 -5.45
N ILE A 291 -3.37 -11.60 -5.46
CA ILE A 291 -2.67 -11.88 -4.24
C ILE A 291 -1.36 -11.17 -4.26
N THR A 292 -1.04 -10.49 -3.17
CA THR A 292 0.20 -9.77 -3.02
C THR A 292 0.74 -9.94 -1.62
N VAL A 293 2.05 -9.99 -1.51
CA VAL A 293 2.68 -9.92 -0.19
C VAL A 293 3.67 -8.76 -0.21
N ASN A 294 3.53 -7.81 0.72
CA ASN A 294 4.47 -6.70 0.81
C ASN A 294 5.53 -6.97 1.90
N PHE A 295 6.59 -6.17 1.89
CA PHE A 295 7.69 -6.27 2.84
C PHE A 295 7.89 -4.83 3.27
N TRP A 296 7.53 -4.53 4.52
CA TRP A 296 7.60 -3.17 5.04
C TRP A 296 8.81 -3.03 5.98
N TYR A 297 9.65 -2.06 5.69
CA TYR A 297 10.86 -1.79 6.46
C TYR A 297 10.82 -0.36 6.97
N LYS A 298 11.25 -0.16 8.21
CA LYS A 298 11.37 1.19 8.75
C LYS A 298 12.46 1.89 7.97
N GLY A 299 12.30 3.19 7.75
CA GLY A 299 13.30 3.94 7.02
C GLY A 299 14.59 4.13 7.81
N ALA A 300 15.62 4.59 7.13
CA ALA A 300 16.90 4.91 7.74
C ALA A 300 16.73 6.06 8.74
N PRO A 301 17.79 6.38 9.48
CA PRO A 301 17.75 7.42 10.51
C PRO A 301 17.79 8.83 9.94
N THR A 302 17.15 9.78 10.61
CA THR A 302 17.15 11.21 10.22
C THR A 302 18.47 11.76 10.66
N PRO A 303 19.33 12.25 9.76
CA PRO A 303 20.70 12.56 10.19
C PRO A 303 20.71 13.55 11.35
N GLU A 307 21.14 18.34 5.80
CA GLU A 307 21.69 19.25 4.80
C GLU A 307 20.60 19.89 3.97
N TYR A 308 20.83 21.13 3.60
CA TYR A 308 19.89 21.86 2.75
C TYR A 308 20.39 21.74 1.32
N PRO A 309 19.50 21.88 0.34
CA PRO A 309 18.06 22.12 0.55
C PRO A 309 17.29 20.87 1.00
N LEU A 310 16.21 21.05 1.77
CA LEU A 310 15.44 19.93 2.28
C LEU A 310 14.67 19.19 1.19
N LYS A 311 14.62 17.87 1.30
CA LYS A 311 13.83 17.09 0.37
C LYS A 311 12.34 17.23 0.66
N ALA A 312 11.54 16.97 -0.36
CA ALA A 312 10.11 17.06 -0.25
C ALA A 312 9.61 16.20 0.91
N HIS A 313 10.12 14.98 1.04
CA HIS A 313 9.62 14.11 2.07
C HIS A 313 9.98 14.60 3.46
N GLN A 314 11.05 15.37 3.57
CA GLN A 314 11.43 15.95 4.83
C GLN A 314 10.43 17.07 5.21
N LYS A 315 9.96 17.82 4.23
CA LYS A 315 8.97 18.84 4.49
C LYS A 315 7.65 18.17 4.89
N VAL A 316 7.36 17.03 4.31
CA VAL A 316 6.16 16.32 4.69
C VAL A 316 6.25 15.90 6.17
N ALA A 317 7.40 15.39 6.58
CA ALA A 317 7.63 15.00 7.98
C ALA A 317 7.46 16.18 8.91
N ILE A 318 7.92 17.34 8.49
CA ILE A 318 7.81 18.56 9.28
C ILE A 318 6.34 18.90 9.47
N MET A 319 5.58 18.91 8.38
CA MET A 319 4.18 19.22 8.45
C MET A 319 3.43 18.26 9.35
N ARG A 320 3.72 16.97 9.22
CA ARG A 320 3.07 16.02 10.09
C ARG A 320 3.39 16.36 11.55
N ASN A 321 4.65 16.69 11.83
CA ASN A 321 5.04 16.96 13.19
C ASN A 321 4.32 18.20 13.75
N ILE A 322 4.21 19.26 12.96
CA ILE A 322 3.51 20.45 13.42
C ILE A 322 2.06 20.06 13.77
N GLU A 323 1.42 19.28 12.91
CA GLU A 323 0.04 18.88 13.17
C GLU A 323 -0.03 18.10 14.47
N LYS A 324 0.90 17.18 14.66
CA LYS A 324 0.91 16.34 15.86
C LYS A 324 1.09 17.18 17.13
N MET A 325 2.06 18.08 17.12
CA MET A 325 2.34 18.92 18.30
C MET A 325 1.18 19.84 18.65
N LEU A 326 0.56 20.40 17.63
CA LEU A 326 -0.56 21.31 17.83
C LEU A 326 -1.74 20.59 18.47
N GLY A 327 -2.00 19.37 18.00
CA GLY A 327 -3.08 18.57 18.55
C GLY A 327 -2.87 18.29 20.02
N GLU A 328 -1.64 17.93 20.38
CA GLU A 328 -1.30 17.70 21.78
C GLU A 328 -1.34 18.96 22.62
N ALA A 329 -0.82 20.06 22.09
CA ALA A 329 -0.76 21.29 22.86
C ALA A 329 -2.13 21.90 23.05
N LEU A 330 -2.98 21.80 22.05
CA LEU A 330 -4.32 22.36 22.16
C LEU A 330 -5.25 21.46 22.95
N GLY A 331 -4.89 20.19 23.07
CA GLY A 331 -5.67 19.25 23.85
C GLY A 331 -6.93 18.75 23.16
N ASN A 332 -7.12 19.15 21.90
CA ASN A 332 -8.26 18.70 21.10
C ASN A 332 -7.85 18.86 19.65
N PRO A 333 -7.79 17.77 18.92
CA PRO A 333 -7.30 17.82 17.54
C PRO A 333 -8.16 18.67 16.65
N GLN A 334 -9.43 18.87 17.01
CA GLN A 334 -10.31 19.67 16.15
C GLN A 334 -9.98 21.15 16.26
N GLU A 335 -9.17 21.52 17.24
CA GLU A 335 -8.76 22.90 17.37
C GLU A 335 -7.58 23.22 16.43
N VAL A 336 -6.97 22.19 15.83
CA VAL A 336 -5.80 22.38 14.96
C VAL A 336 -6.05 23.30 13.78
N GLY A 337 -7.13 23.05 13.06
CA GLY A 337 -7.48 23.84 11.90
C GLY A 337 -7.66 25.31 12.16
N PRO A 338 -8.55 25.68 13.08
CA PRO A 338 -8.74 27.09 13.42
C PRO A 338 -7.44 27.83 13.83
N LEU A 339 -6.59 27.19 14.62
CA LEU A 339 -5.32 27.83 14.98
C LEU A 339 -4.48 28.05 13.73
N LEU A 340 -4.36 27.03 12.88
CA LEU A 340 -3.56 27.16 11.65
C LEU A 340 -4.11 28.28 10.76
N ASN A 341 -5.43 28.34 10.63
CA ASN A 341 -6.05 29.40 9.84
C ASN A 341 -5.76 30.78 10.43
N THR A 342 -5.91 30.89 11.74
CA THR A 342 -5.63 32.13 12.44
C THR A 342 -4.17 32.53 12.19
N MET A 343 -3.26 31.56 12.13
CA MET A 343 -1.87 31.83 11.88
C MET A 343 -1.60 32.42 10.51
N ILE A 344 -2.27 31.89 9.48
CA ILE A 344 -1.93 32.33 8.14
C ILE A 344 -2.77 33.43 7.55
N LYS A 345 -4.06 33.57 7.90
CA LYS A 345 -4.82 34.59 7.17
C LYS A 345 -4.40 36.02 7.40
N GLY A 346 -4.20 36.70 6.29
CA GLY A 346 -3.71 38.05 6.28
C GLY A 346 -2.28 38.19 6.76
N ARG A 347 -1.58 37.08 6.93
CA ARG A 347 -0.20 37.10 7.42
C ARG A 347 0.77 36.36 6.48
N TYR A 348 0.38 35.18 6.03
CA TYR A 348 1.22 34.39 5.11
C TYR A 348 0.49 33.96 3.82
N ASN A 349 -0.79 34.27 3.68
CA ASN A 349 -1.48 33.82 2.46
C ASN A 349 -1.83 34.87 1.44
N LEU B 10 12.19 17.64 14.14
CA LEU B 10 10.99 18.16 13.39
C LEU B 10 10.92 17.38 12.08
N THR B 11 12.10 17.16 11.54
CA THR B 11 12.35 16.21 10.47
C THR B 11 12.20 14.72 10.85
N SER B 12 12.00 14.41 12.13
CA SER B 12 11.88 13.01 12.54
C SER B 12 10.53 12.42 12.09
N TYR B 13 10.50 11.10 11.91
CA TYR B 13 9.30 10.45 11.44
C TYR B 13 8.97 9.13 12.13
N ASP B 14 7.70 8.77 12.05
CA ASP B 14 7.22 7.54 12.65
C ASP B 14 7.23 6.47 11.57
N CYS B 15 6.48 5.38 11.76
CA CYS B 15 6.50 4.29 10.81
C CYS B 15 5.09 3.77 10.55
N GLU B 16 4.12 4.67 10.49
CA GLU B 16 2.74 4.29 10.28
C GLU B 16 2.44 3.92 8.82
N VAL B 17 1.64 2.87 8.66
CA VAL B 17 1.26 2.35 7.35
C VAL B 17 -0.21 1.98 7.37
N ASN B 18 -0.76 1.54 6.24
CA ASN B 18 -2.15 1.09 6.21
C ASN B 18 -2.36 -0.30 6.78
N ALA B 19 -2.02 -0.45 8.05
CA ALA B 19 -2.25 -1.70 8.79
C ALA B 19 -2.01 -1.40 10.27
N PRO B 20 -2.72 -2.10 11.14
CA PRO B 20 -2.55 -1.90 12.60
C PRO B 20 -1.18 -2.33 13.09
N ILE B 21 -0.83 -1.94 14.31
CA ILE B 21 0.46 -2.27 14.90
C ILE B 21 0.44 -3.61 15.61
N LEU B 27 1.32 -12.66 18.80
CA LEU B 27 1.49 -12.98 17.39
C LEU B 27 2.75 -12.32 16.83
N LEU B 28 3.75 -13.11 16.51
CA LEU B 28 4.99 -12.56 15.96
C LEU B 28 4.83 -12.21 14.48
N GLN B 29 5.60 -11.21 14.05
CA GLN B 29 5.54 -10.73 12.67
C GLN B 29 6.88 -10.10 12.26
N GLY B 30 7.02 -9.81 10.97
CA GLY B 30 8.24 -9.22 10.45
C GLY B 30 9.50 -9.95 10.86
N GLU B 31 10.49 -9.18 11.27
CA GLU B 31 11.78 -9.71 11.69
C GLU B 31 11.64 -10.76 12.78
N GLU B 32 10.66 -10.58 13.67
CA GLU B 32 10.45 -11.51 14.76
C GLU B 32 9.92 -12.85 14.27
N LEU B 33 9.02 -12.81 13.30
CA LEU B 33 8.46 -14.02 12.74
C LEU B 33 9.57 -14.82 12.08
N LEU B 34 10.37 -14.12 11.27
CA LEU B 34 11.42 -14.76 10.48
C LEU B 34 12.45 -15.50 11.34
N ARG B 35 12.94 -14.84 12.38
CA ARG B 35 13.94 -15.41 13.25
C ARG B 35 13.38 -16.61 14.03
N ALA B 36 12.20 -16.44 14.61
CA ALA B 36 11.54 -17.53 15.31
C ALA B 36 11.46 -18.75 14.40
N LEU B 37 11.06 -18.53 13.15
CA LEU B 37 10.96 -19.62 12.18
C LEU B 37 12.32 -20.22 11.87
N ASP B 38 13.33 -19.36 11.71
CA ASP B 38 14.70 -19.82 11.50
C ASP B 38 15.45 -19.78 12.84
#